data_9B97
#
_entry.id   9B97
#
_cell.length_a   202.360
_cell.length_b   52.490
_cell.length_c   76.550
_cell.angle_alpha   90.000
_cell.angle_beta   105.942
_cell.angle_gamma   90.000
#
_symmetry.space_group_name_H-M   'C 1 2 1'
#
loop_
_entity.id
_entity.type
_entity.pdbx_description
1 polymer 'Protein-arginine deiminase type-2'
2 non-polymer (4S)-2-METHYL-2,4-PENTANEDIOL
3 non-polymer "(1P)-N~3'~-[(2S)-3-cyclohexyl-1-(methylamino)-1-oxopropan-2-yl]-N~3~,N~3~-diethyl-4-fluoro-5'-{[4-(4-phenylbutyl)piperazin-1-yl]methyl}[1,1'-biphenyl]-3,3'-dicarboxamide"
4 non-polymer 'ACETATE ION'
5 non-polymer 'CALCIUM ION'
6 water water
#
_entity_poly.entity_id   1
_entity_poly.type   'polypeptide(L)'
_entity_poly.pdbx_seq_one_letter_code
;MGHHHHHHHHHHSSGHIEGRHMLRERTVRLQYGSRVEAVYVLGTYLWTDVYSAAPAGAQTFSLKHSEHVWVEVVRDGEAE
EVATNGKQRWLLSPSTTLRVTMSQASTEASSDKVTVNYYDEEGSIPIDQAGLFLTAIEISLDVDADRDGVVEKNNPKKAS
WTWGPEGQGAILLVNCDRETPWLPKEDCRDEKVYSKEDLKDMSQMILRTKGPDRLPAGYEIVLYISMSDSDKVGVFYVEN
PFFGQRYIHILGRRKLYHVVKYTGGSAELLFFVEGLCFPDEGFSGLVSIHVSLLEYMAQDIPLTPIFTDTVIFRIAPWIM
TPNILPPVSVFVCCMKDNYLFLKEVKNLVEKTNCELKVCFQYLNRGDRWIQDEIEFGYIEAPHKGFPVVLDSPRDGNLKD
FPVKELLGPDFGYVTREPLFESVTSLDSFGNLEVSPPVTVNGKTYPLGRILIGSSFPLSGGRRMTKVVRDFLKAQQVQAP
VELYSDWLTVGHVDEFMSFVPIPGTKKFLLLMASTSACYKLFREKQKDGHGEAIMFKGLGGMSSKRITINKILSNESLVQ
ENLYFQRCLDWNRDILKKELGLTEQDIIDLPALFKMDEDHRARAFFPNMVNMIVLDKDLGIPKPFGPQVEEECCLEMHVR
GLLEPLGLECTFIDDISAYHKFLGEVHCGTNVRRKPFTFKWWHMVPSRRS
;
_entity_poly.pdbx_strand_id   A
#
# COMPACT_ATOMS: atom_id res chain seq x y z
N ARG A 24 -3.75 -27.82 -14.48
CA ARG A 24 -2.85 -27.96 -15.65
C ARG A 24 -3.01 -29.36 -16.26
N GLU A 25 -3.84 -29.48 -17.32
CA GLU A 25 -3.74 -30.61 -18.25
C GLU A 25 -2.82 -30.21 -19.41
N ARG A 26 -1.82 -31.06 -19.67
CA ARG A 26 -0.73 -30.73 -20.58
C ARG A 26 -0.56 -31.86 -21.59
N THR A 27 -0.27 -31.52 -22.84
CA THR A 27 -0.20 -32.50 -23.92
C THR A 27 1.18 -33.13 -24.02
N VAL A 28 1.22 -34.48 -24.02
CA VAL A 28 2.44 -35.16 -24.41
C VAL A 28 2.09 -36.41 -25.20
N ARG A 29 2.37 -36.37 -26.50
CA ARG A 29 2.08 -37.48 -27.38
C ARG A 29 3.18 -38.54 -27.32
N LEU A 30 2.78 -39.81 -27.46
CA LEU A 30 3.75 -40.83 -27.84
C LEU A 30 4.16 -40.56 -29.29
N GLN A 31 5.33 -41.07 -29.65
CA GLN A 31 5.95 -40.78 -30.93
C GLN A 31 6.26 -42.10 -31.65
N TYR A 32 5.86 -42.19 -32.93
CA TYR A 32 5.87 -43.43 -33.67
C TYR A 32 7.20 -44.17 -33.50
N GLY A 33 7.14 -45.39 -32.95
CA GLY A 33 8.28 -46.28 -32.90
C GLY A 33 9.32 -45.91 -31.84
N SER A 34 9.17 -44.72 -31.23
CA SER A 34 10.18 -44.19 -30.33
C SER A 34 9.78 -44.38 -28.87
N ARG A 35 10.79 -44.27 -28.01
CA ARG A 35 10.63 -44.00 -26.59
C ARG A 35 10.75 -42.49 -26.37
N VAL A 36 9.81 -41.91 -25.60
CA VAL A 36 9.81 -40.47 -25.33
C VAL A 36 10.14 -40.24 -23.85
N GLU A 37 11.15 -39.41 -23.55
CA GLU A 37 11.47 -39.02 -22.19
C GLU A 37 10.74 -37.72 -21.85
N ALA A 38 10.04 -37.70 -20.72
CA ALA A 38 9.32 -36.52 -20.33
C ALA A 38 9.60 -36.22 -18.87
N VAL A 39 9.70 -34.92 -18.53
CA VAL A 39 9.53 -34.48 -17.15
C VAL A 39 8.05 -34.21 -16.89
N TYR A 40 7.61 -34.73 -15.74
CA TYR A 40 6.27 -34.54 -15.21
C TYR A 40 6.41 -33.64 -13.99
N VAL A 41 5.57 -32.61 -13.86
CA VAL A 41 5.57 -31.84 -12.62
C VAL A 41 4.35 -32.27 -11.80
N LEU A 42 4.61 -32.60 -10.54
CA LEU A 42 3.53 -32.99 -9.65
C LEU A 42 2.53 -31.85 -9.62
N GLY A 43 1.24 -32.21 -9.63
CA GLY A 43 0.16 -31.24 -9.65
C GLY A 43 -0.52 -31.15 -11.01
N THR A 44 0.03 -31.81 -12.04
CA THR A 44 -0.45 -31.67 -13.42
C THR A 44 -1.01 -32.98 -13.96
N TYR A 45 -1.60 -32.91 -15.15
CA TYR A 45 -2.13 -34.06 -15.84
C TYR A 45 -1.53 -34.09 -17.24
N LEU A 46 -1.11 -35.28 -17.69
CA LEU A 46 -0.76 -35.48 -19.09
C LEU A 46 -1.97 -36.05 -19.80
N TRP A 47 -2.20 -35.57 -21.01
CA TRP A 47 -3.05 -36.28 -21.93
C TRP A 47 -2.11 -36.80 -23.00
N THR A 48 -2.20 -38.10 -23.30
CA THR A 48 -1.26 -38.76 -24.16
C THR A 48 -2.04 -39.42 -25.30
N ASP A 49 -1.82 -38.91 -26.52
CA ASP A 49 -2.26 -39.55 -27.74
C ASP A 49 -1.46 -40.84 -27.95
N VAL A 50 -2.15 -41.97 -28.18
CA VAL A 50 -1.51 -43.23 -28.59
C VAL A 50 -1.87 -43.53 -30.05
N TYR A 51 -3.02 -43.03 -30.48
CA TYR A 51 -3.51 -43.36 -31.80
C TYR A 51 -2.43 -43.05 -32.85
N SER A 52 -1.86 -41.84 -32.81
CA SER A 52 -1.19 -41.32 -33.97
C SER A 52 0.24 -41.84 -34.05
N ALA A 53 0.72 -42.47 -32.97
CA ALA A 53 2.03 -43.11 -32.94
C ALA A 53 1.94 -44.54 -33.45
N ALA A 54 0.71 -44.99 -33.71
CA ALA A 54 0.45 -46.39 -33.98
C ALA A 54 0.92 -46.72 -35.38
N PRO A 55 1.55 -47.91 -35.58
CA PRO A 55 2.01 -48.29 -36.92
C PRO A 55 0.82 -48.56 -37.83
N ALA A 56 1.07 -48.55 -39.15
CA ALA A 56 0.00 -48.83 -40.11
C ALA A 56 -0.46 -50.28 -39.98
N GLY A 57 -1.78 -50.47 -39.82
CA GLY A 57 -2.40 -51.78 -39.83
C GLY A 57 -2.65 -52.36 -38.43
N ALA A 58 -2.31 -51.61 -37.37
CA ALA A 58 -2.68 -52.00 -36.02
C ALA A 58 -4.16 -51.70 -35.83
N GLN A 59 -4.86 -52.49 -35.01
CA GLN A 59 -6.28 -52.26 -34.78
C GLN A 59 -6.55 -52.03 -33.30
N THR A 60 -5.49 -52.08 -32.48
CA THR A 60 -5.67 -52.27 -31.06
C THR A 60 -4.31 -52.15 -30.34
N PHE A 61 -4.36 -51.82 -29.04
CA PHE A 61 -3.20 -51.60 -28.19
C PHE A 61 -3.45 -52.10 -26.77
N SER A 62 -2.39 -52.60 -26.12
CA SER A 62 -2.32 -52.79 -24.68
C SER A 62 -1.40 -51.75 -24.09
N LEU A 63 -1.15 -51.81 -22.76
CA LEU A 63 -0.08 -51.03 -22.15
C LEU A 63 0.34 -51.56 -20.77
N LYS A 64 1.65 -51.44 -20.48
CA LYS A 64 2.19 -51.64 -19.15
C LYS A 64 2.56 -50.26 -18.63
N HIS A 65 2.61 -50.12 -17.30
CA HIS A 65 3.10 -48.91 -16.68
C HIS A 65 3.65 -49.20 -15.29
N SER A 66 4.46 -48.27 -14.75
CA SER A 66 5.17 -48.47 -13.50
C SER A 66 4.27 -48.10 -12.32
N GLU A 67 4.75 -48.42 -11.11
CA GLU A 67 3.98 -48.42 -9.87
C GLU A 67 3.41 -47.04 -9.55
N HIS A 68 4.26 -46.02 -9.70
CA HIS A 68 3.96 -44.68 -9.22
C HIS A 68 3.47 -43.78 -10.37
N VAL A 69 2.92 -44.41 -11.41
CA VAL A 69 2.30 -43.75 -12.54
C VAL A 69 0.88 -44.26 -12.62
N TRP A 70 -0.10 -43.35 -12.44
CA TRP A 70 -1.50 -43.70 -12.59
C TRP A 70 -1.88 -43.43 -14.05
N VAL A 71 -2.68 -44.31 -14.66
CA VAL A 71 -3.00 -44.24 -16.08
C VAL A 71 -4.46 -44.66 -16.31
N GLU A 72 -5.27 -43.73 -16.83
CA GLU A 72 -6.62 -44.02 -17.31
C GLU A 72 -6.60 -44.14 -18.84
N VAL A 73 -7.59 -44.84 -19.40
CA VAL A 73 -7.91 -44.79 -20.82
C VAL A 73 -9.21 -44.01 -20.97
N VAL A 74 -9.40 -43.29 -22.07
CA VAL A 74 -10.48 -42.31 -22.15
C VAL A 74 -11.07 -42.28 -23.57
N ARG A 75 -12.38 -42.60 -23.68
CA ARG A 75 -13.17 -42.47 -24.90
C ARG A 75 -14.41 -41.64 -24.64
N ASP A 76 -14.77 -40.77 -25.59
CA ASP A 76 -15.86 -39.82 -25.40
C ASP A 76 -16.11 -39.58 -23.92
N GLY A 77 -15.05 -39.22 -23.19
CA GLY A 77 -15.16 -38.73 -21.82
C GLY A 77 -15.11 -39.83 -20.76
N GLU A 78 -15.13 -41.10 -21.17
CA GLU A 78 -15.34 -42.19 -20.23
C GLU A 78 -13.98 -42.73 -19.78
N ALA A 79 -13.63 -42.48 -18.50
CA ALA A 79 -12.37 -42.88 -17.89
C ALA A 79 -12.34 -44.37 -17.55
N GLU A 80 -11.16 -44.88 -17.15
CA GLU A 80 -10.92 -46.30 -16.93
C GLU A 80 -9.46 -46.54 -16.53
N GLU A 81 -9.20 -46.72 -15.23
CA GLU A 81 -7.87 -47.01 -14.70
C GLU A 81 -7.35 -48.35 -15.24
N VAL A 82 -6.01 -48.49 -15.33
CA VAL A 82 -5.44 -49.71 -15.87
C VAL A 82 -4.25 -50.13 -15.00
N ALA A 83 -4.07 -51.46 -14.91
CA ALA A 83 -3.09 -52.07 -14.03
C ALA A 83 -1.71 -51.88 -14.62
N THR A 84 -0.73 -51.78 -13.72
CA THR A 84 0.66 -51.93 -14.11
C THR A 84 0.78 -53.15 -15.02
N ASN A 85 0.22 -54.28 -14.54
CA ASN A 85 0.54 -55.61 -15.02
C ASN A 85 -0.30 -55.98 -16.25
N GLY A 86 -1.61 -55.72 -16.18
CA GLY A 86 -2.64 -56.25 -17.07
C GLY A 86 -2.16 -56.51 -18.50
N LYS A 87 -2.93 -57.32 -19.22
CA LYS A 87 -2.58 -57.81 -20.55
C LYS A 87 -3.60 -57.34 -21.60
N GLN A 88 -4.54 -56.49 -21.16
CA GLN A 88 -5.67 -56.06 -21.96
C GLN A 88 -5.24 -55.40 -23.28
N ARG A 89 -6.14 -55.48 -24.27
CA ARG A 89 -6.02 -54.72 -25.52
C ARG A 89 -7.32 -53.92 -25.72
N TRP A 90 -7.22 -52.69 -26.27
CA TRP A 90 -8.35 -51.85 -26.66
C TRP A 90 -8.27 -51.51 -28.14
N LEU A 91 -9.34 -50.90 -28.66
CA LEU A 91 -9.42 -50.55 -30.07
C LEU A 91 -8.77 -49.18 -30.29
N LEU A 92 -7.89 -49.12 -31.30
CA LEU A 92 -7.16 -47.90 -31.66
C LEU A 92 -8.10 -46.89 -32.30
N SER A 93 -8.13 -45.66 -31.76
CA SER A 93 -9.03 -44.63 -32.24
C SER A 93 -8.64 -43.26 -31.70
N PRO A 94 -8.69 -42.20 -32.54
CA PRO A 94 -8.38 -40.84 -32.10
C PRO A 94 -9.08 -40.35 -30.83
N SER A 95 -10.23 -40.95 -30.50
CA SER A 95 -10.98 -40.57 -29.30
C SER A 95 -10.68 -41.51 -28.14
N THR A 96 -9.88 -42.56 -28.38
CA THR A 96 -9.24 -43.30 -27.31
C THR A 96 -7.87 -42.67 -27.05
N THR A 97 -7.73 -42.03 -25.88
CA THR A 97 -6.48 -41.47 -25.41
C THR A 97 -6.22 -41.90 -23.97
N LEU A 98 -5.04 -41.54 -23.43
CA LEU A 98 -4.70 -41.80 -22.03
C LEU A 98 -4.69 -40.49 -21.24
N ARG A 99 -4.89 -40.60 -19.93
CA ARG A 99 -4.57 -39.53 -19.00
C ARG A 99 -3.52 -40.08 -18.04
N VAL A 100 -2.45 -39.34 -17.79
CA VAL A 100 -1.31 -39.86 -17.02
C VAL A 100 -0.99 -38.91 -15.87
N THR A 101 -1.05 -39.43 -14.64
CA THR A 101 -0.72 -38.68 -13.44
C THR A 101 0.36 -39.44 -12.68
N MET A 102 1.03 -38.72 -11.78
CA MET A 102 1.97 -39.31 -10.85
C MET A 102 1.78 -38.65 -9.48
N SER A 103 2.08 -39.42 -8.43
CA SER A 103 1.74 -39.08 -7.05
C SER A 103 2.97 -38.59 -6.29
N GLN A 104 4.16 -39.09 -6.62
CA GLN A 104 5.36 -38.73 -5.88
C GLN A 104 6.52 -38.52 -6.85
N ALA A 105 7.48 -37.72 -6.41
CA ALA A 105 8.63 -37.35 -7.23
C ALA A 105 9.49 -38.59 -7.43
N SER A 106 10.29 -38.54 -8.49
CA SER A 106 11.24 -39.58 -8.80
C SER A 106 12.54 -39.35 -8.01
N THR A 107 13.07 -40.44 -7.48
CA THR A 107 14.45 -40.50 -7.01
C THR A 107 15.35 -40.86 -8.18
N GLU A 108 14.72 -41.45 -9.20
CA GLU A 108 15.43 -41.88 -10.38
C GLU A 108 14.94 -41.13 -11.62
N ALA A 109 15.89 -40.46 -12.29
CA ALA A 109 15.76 -40.10 -13.70
C ALA A 109 15.23 -41.29 -14.51
N SER A 110 13.91 -41.26 -14.77
CA SER A 110 13.12 -42.30 -15.44
C SER A 110 12.53 -43.25 -14.40
N SER A 111 12.81 -44.55 -14.56
CA SER A 111 12.33 -45.58 -13.64
C SER A 111 10.82 -45.73 -13.79
N ASP A 112 10.10 -44.63 -13.55
CA ASP A 112 8.68 -44.54 -13.87
C ASP A 112 8.54 -44.49 -15.39
N LYS A 113 7.47 -45.11 -15.89
CA LYS A 113 7.26 -45.21 -17.32
C LYS A 113 5.91 -45.82 -17.66
N VAL A 114 5.52 -45.58 -18.93
CA VAL A 114 4.33 -46.10 -19.58
C VAL A 114 4.76 -46.61 -20.95
N THR A 115 4.34 -47.83 -21.30
CA THR A 115 4.76 -48.48 -22.54
C THR A 115 3.52 -49.05 -23.22
N VAL A 116 3.37 -48.78 -24.51
CA VAL A 116 2.19 -49.20 -25.24
C VAL A 116 2.61 -50.19 -26.33
N ASN A 117 1.82 -51.27 -26.45
CA ASN A 117 2.02 -52.26 -27.51
C ASN A 117 0.89 -52.13 -28.52
N TYR A 118 1.25 -52.16 -29.80
CA TYR A 118 0.30 -52.08 -30.90
C TYR A 118 0.22 -53.45 -31.58
N TYR A 119 -0.98 -53.82 -32.07
CA TYR A 119 -1.23 -55.16 -32.60
C TYR A 119 -2.13 -55.15 -33.84
N ASP A 120 -1.90 -56.12 -34.74
CA ASP A 120 -2.61 -56.24 -36.00
C ASP A 120 -3.75 -57.27 -35.85
N GLU A 121 -4.50 -57.51 -36.93
CA GLU A 121 -5.69 -58.36 -36.89
C GLU A 121 -5.36 -59.74 -36.33
N GLU A 122 -4.25 -60.32 -36.80
CA GLU A 122 -3.88 -61.69 -36.45
C GLU A 122 -3.13 -61.70 -35.12
N GLY A 123 -1.80 -61.50 -35.18
CA GLY A 123 -0.86 -61.99 -34.20
C GLY A 123 -1.06 -61.42 -32.80
N SER A 124 -0.38 -62.05 -31.82
CA SER A 124 -0.50 -61.70 -30.41
C SER A 124 0.83 -61.22 -29.88
N ILE A 125 1.84 -61.19 -30.74
CA ILE A 125 3.06 -60.43 -30.48
C ILE A 125 2.82 -59.01 -31.00
N PRO A 126 3.15 -57.96 -30.23
CA PRO A 126 3.04 -56.57 -30.69
C PRO A 126 3.79 -56.34 -32.00
N ILE A 127 3.25 -55.47 -32.86
CA ILE A 127 3.88 -55.21 -34.15
C ILE A 127 4.90 -54.09 -34.00
N ASP A 128 4.55 -52.99 -33.30
CA ASP A 128 5.50 -52.00 -32.83
C ASP A 128 5.08 -51.62 -31.41
N GLN A 129 5.92 -50.84 -30.76
CA GLN A 129 5.58 -50.29 -29.45
C GLN A 129 6.05 -48.85 -29.38
N ALA A 130 5.44 -48.11 -28.45
CA ALA A 130 5.91 -46.78 -28.13
C ALA A 130 5.87 -46.64 -26.62
N GLY A 131 6.82 -45.87 -26.09
CA GLY A 131 7.02 -45.77 -24.66
C GLY A 131 7.07 -44.31 -24.23
N LEU A 132 7.04 -44.12 -22.92
CA LEU A 132 7.10 -42.81 -22.29
C LEU A 132 7.86 -42.99 -20.98
N PHE A 133 9.00 -42.31 -20.87
CA PHE A 133 9.87 -42.43 -19.71
C PHE A 133 9.82 -41.12 -18.93
N LEU A 134 9.20 -41.18 -17.74
CA LEU A 134 8.89 -40.02 -16.93
C LEU A 134 9.90 -39.86 -15.80
N THR A 135 10.36 -38.63 -15.60
CA THR A 135 10.93 -38.18 -14.34
C THR A 135 9.96 -37.20 -13.67
N ALA A 136 9.41 -37.57 -12.51
CA ALA A 136 8.54 -36.70 -11.74
C ALA A 136 9.37 -35.77 -10.85
N ILE A 137 9.05 -34.46 -10.87
CA ILE A 137 9.61 -33.53 -9.89
C ILE A 137 8.48 -32.69 -9.32
N GLU A 138 8.74 -32.12 -8.15
CA GLU A 138 7.88 -31.12 -7.53
C GLU A 138 8.60 -29.78 -7.67
N ILE A 139 7.91 -28.74 -8.19
CA ILE A 139 8.44 -27.37 -8.24
C ILE A 139 7.34 -26.42 -7.78
N SER A 140 7.68 -25.54 -6.84
CA SER A 140 6.69 -24.63 -6.30
C SER A 140 7.39 -23.33 -5.92
N LEU A 141 6.84 -22.21 -6.43
CA LEU A 141 7.36 -20.91 -6.04
C LEU A 141 6.42 -20.38 -4.98
N ASP A 142 6.92 -20.23 -3.75
CA ASP A 142 6.03 -20.04 -2.61
C ASP A 142 6.17 -18.66 -1.96
N VAL A 143 5.02 -18.13 -1.49
CA VAL A 143 4.94 -16.87 -0.75
C VAL A 143 3.88 -16.95 0.35
N ASP A 144 3.86 -15.90 1.18
CA ASP A 144 3.01 -15.85 2.35
C ASP A 144 1.73 -15.11 1.97
N ALA A 145 0.95 -15.79 1.13
CA ALA A 145 -0.28 -15.26 0.61
C ALA A 145 -1.37 -15.24 1.67
N ASP A 146 -1.21 -16.06 2.72
CA ASP A 146 -2.16 -16.07 3.83
C ASP A 146 -1.73 -15.06 4.91
N ARG A 147 -0.57 -14.41 4.77
CA ARG A 147 -0.31 -13.14 5.45
C ARG A 147 -0.12 -13.33 6.96
N ASP A 148 0.53 -14.42 7.37
CA ASP A 148 0.87 -14.62 8.77
C ASP A 148 2.38 -14.54 8.98
N GLY A 149 3.12 -14.03 8.01
CA GLY A 149 4.56 -13.93 8.15
C GLY A 149 5.33 -15.25 7.89
N VAL A 150 4.61 -16.36 7.65
CA VAL A 150 5.22 -17.65 7.33
C VAL A 150 5.00 -18.01 5.87
N VAL A 151 6.03 -18.53 5.19
CA VAL A 151 5.88 -18.82 3.76
C VAL A 151 5.26 -20.21 3.64
N GLU A 152 3.92 -20.30 3.52
CA GLU A 152 3.28 -21.61 3.47
C GLU A 152 3.63 -22.34 2.16
N LYS A 153 3.16 -23.58 2.03
CA LYS A 153 3.50 -24.42 0.89
C LYS A 153 2.40 -24.36 -0.15
N ASN A 154 2.79 -23.86 -1.31
CA ASN A 154 1.96 -23.74 -2.49
C ASN A 154 0.53 -23.33 -2.14
N ASN A 155 0.38 -22.13 -1.56
CA ASN A 155 -0.93 -21.57 -1.32
C ASN A 155 -1.69 -21.49 -2.65
N PRO A 156 -2.87 -22.13 -2.79
CA PRO A 156 -3.60 -22.08 -4.05
C PRO A 156 -4.10 -20.70 -4.49
N LYS A 157 -3.93 -19.67 -3.66
CA LYS A 157 -4.36 -18.32 -3.99
C LYS A 157 -3.18 -17.42 -4.25
N LYS A 158 -1.99 -18.01 -4.30
CA LYS A 158 -0.77 -17.24 -4.25
C LYS A 158 -0.56 -16.48 -5.57
N ALA A 159 -1.33 -16.86 -6.60
CA ALA A 159 -1.33 -16.21 -7.91
C ALA A 159 -2.45 -15.17 -8.02
N SER A 160 -3.04 -14.76 -6.89
CA SER A 160 -4.07 -13.74 -6.94
C SER A 160 -3.87 -12.79 -5.75
N TRP A 161 -4.66 -11.71 -5.72
CA TRP A 161 -4.63 -10.79 -4.60
C TRP A 161 -6.05 -10.36 -4.26
N THR A 162 -6.53 -10.65 -3.03
CA THR A 162 -7.87 -10.21 -2.66
C THR A 162 -7.89 -9.48 -1.30
N TRP A 163 -8.89 -8.60 -1.15
CA TRP A 163 -9.04 -7.77 0.04
C TRP A 163 -9.90 -8.42 1.11
N GLY A 164 -9.79 -7.90 2.34
CA GLY A 164 -10.68 -8.33 3.40
C GLY A 164 -9.98 -9.35 4.31
N PRO A 165 -10.60 -9.70 5.45
CA PRO A 165 -9.99 -10.65 6.39
C PRO A 165 -9.94 -12.04 5.79
N GLU A 166 -10.84 -12.30 4.82
CA GLU A 166 -10.86 -13.55 4.06
C GLU A 166 -9.92 -13.47 2.86
N GLY A 167 -9.48 -12.26 2.52
CA GLY A 167 -8.65 -12.07 1.36
C GLY A 167 -7.34 -12.84 1.53
N GLN A 168 -6.60 -12.95 0.41
CA GLN A 168 -5.29 -13.58 0.41
C GLN A 168 -4.48 -13.07 -0.77
N GLY A 169 -3.15 -13.14 -0.61
CA GLY A 169 -2.22 -12.56 -1.55
C GLY A 169 -1.08 -11.91 -0.80
N ALA A 170 0.15 -12.17 -1.23
CA ALA A 170 1.30 -11.70 -0.50
C ALA A 170 1.39 -10.19 -0.62
N ILE A 171 2.18 -9.62 0.30
CA ILE A 171 2.37 -8.18 0.44
C ILE A 171 3.87 -7.88 0.41
N LEU A 172 4.23 -6.77 -0.27
CA LEU A 172 5.61 -6.35 -0.47
C LEU A 172 5.74 -4.89 -0.08
N LEU A 173 6.79 -4.55 0.69
CA LEU A 173 7.04 -3.16 1.07
C LEU A 173 7.93 -2.52 0.01
N VAL A 174 7.75 -1.22 -0.20
CA VAL A 174 8.76 -0.41 -0.83
C VAL A 174 9.90 -0.24 0.18
N ASN A 175 11.11 -0.60 -0.27
CA ASN A 175 12.33 -0.48 0.52
C ASN A 175 12.90 0.94 0.39
N CYS A 176 12.13 1.90 0.93
CA CYS A 176 12.36 3.32 0.72
C CYS A 176 13.07 3.95 1.93
N ASP A 177 13.40 3.12 2.94
CA ASP A 177 14.28 3.50 4.04
C ASP A 177 15.76 3.34 3.65
N ARG A 178 16.62 3.37 4.68
CA ARG A 178 18.06 3.31 4.49
C ARG A 178 18.73 2.60 5.67
N GLU A 179 19.46 1.53 5.32
CA GLU A 179 20.13 0.68 6.28
C GLU A 179 21.56 1.20 6.48
N THR A 180 22.20 1.59 5.37
CA THR A 180 23.58 2.03 5.42
C THR A 180 23.63 3.53 5.11
N PRO A 181 23.96 4.38 6.12
CA PRO A 181 23.88 5.83 5.97
C PRO A 181 24.97 6.53 5.14
N TRP A 182 25.98 5.78 4.66
CA TRP A 182 26.95 6.32 3.72
C TRP A 182 26.30 6.42 2.34
N LEU A 183 25.18 5.71 2.14
CA LEU A 183 24.41 5.77 0.89
C LEU A 183 23.70 7.12 0.82
N PRO A 184 23.81 7.89 -0.29
CA PRO A 184 23.10 9.16 -0.40
C PRO A 184 21.60 9.07 -0.73
N LYS A 185 21.07 7.84 -0.86
CA LYS A 185 19.72 7.62 -1.35
C LYS A 185 19.11 6.45 -0.60
N GLU A 186 17.85 6.13 -0.91
CA GLU A 186 17.17 5.04 -0.22
C GLU A 186 17.54 3.72 -0.89
N ASP A 187 17.40 2.66 -0.08
CA ASP A 187 17.84 1.31 -0.40
C ASP A 187 17.43 0.85 -1.79
N CYS A 188 16.17 1.14 -2.17
CA CYS A 188 15.59 0.62 -3.39
C CYS A 188 16.08 1.38 -4.63
N ARG A 189 17.02 2.33 -4.43
CA ARG A 189 17.50 3.16 -5.53
C ARG A 189 18.65 2.49 -6.26
N ASP A 190 19.23 1.43 -5.67
CA ASP A 190 20.34 0.72 -6.31
C ASP A 190 19.86 -0.67 -6.76
N GLU A 191 20.81 -1.56 -7.15
CA GLU A 191 20.49 -2.96 -7.37
C GLU A 191 21.38 -3.81 -6.47
N LYS A 192 21.60 -3.30 -5.25
CA LYS A 192 22.58 -3.82 -4.31
C LYS A 192 21.99 -3.79 -2.91
N VAL A 193 22.18 -4.88 -2.17
CA VAL A 193 21.94 -4.99 -0.73
C VAL A 193 23.30 -4.94 -0.05
N TYR A 194 23.50 -3.98 0.88
CA TYR A 194 24.76 -3.81 1.58
C TYR A 194 24.71 -4.47 2.96
N SER A 195 23.56 -4.45 3.62
CA SER A 195 23.46 -5.01 4.95
C SER A 195 22.38 -6.09 5.00
N LYS A 196 22.58 -7.02 5.92
CA LYS A 196 21.62 -8.06 6.23
C LYS A 196 20.42 -7.47 6.97
N GLU A 197 20.58 -6.25 7.51
CA GLU A 197 19.51 -5.50 8.13
C GLU A 197 18.34 -5.35 7.12
N ASP A 198 18.74 -5.03 5.89
CA ASP A 198 17.88 -4.70 4.78
C ASP A 198 16.80 -5.78 4.58
N LEU A 199 17.22 -7.05 4.66
CA LEU A 199 16.43 -8.20 4.28
C LEU A 199 15.18 -8.32 5.16
N LYS A 200 15.19 -7.65 6.32
CA LYS A 200 14.07 -7.67 7.25
C LYS A 200 12.91 -6.84 6.68
N ASP A 201 13.23 -5.94 5.74
CA ASP A 201 12.26 -5.13 5.03
C ASP A 201 11.77 -5.86 3.77
N MET A 202 12.24 -7.09 3.55
CA MET A 202 12.00 -7.73 2.27
C MET A 202 10.99 -8.84 2.49
N SER A 203 10.44 -9.34 1.37
CA SER A 203 9.47 -10.41 1.43
C SER A 203 10.11 -11.70 0.92
N GLN A 204 9.74 -12.78 1.59
CA GLN A 204 10.41 -14.05 1.36
C GLN A 204 9.65 -14.81 0.28
N MET A 205 10.42 -15.37 -0.65
CA MET A 205 9.87 -16.20 -1.72
C MET A 205 10.79 -17.41 -1.85
N ILE A 206 10.16 -18.60 -1.77
CA ILE A 206 10.88 -19.86 -1.63
C ILE A 206 10.55 -20.75 -2.82
N LEU A 207 11.60 -21.01 -3.61
CA LEU A 207 11.51 -22.01 -4.67
C LEU A 207 11.77 -23.38 -4.05
N ARG A 208 10.72 -24.21 -3.96
CA ARG A 208 10.84 -25.51 -3.34
C ARG A 208 10.79 -26.56 -4.44
N THR A 209 11.78 -27.46 -4.45
CA THR A 209 11.87 -28.52 -5.45
C THR A 209 12.06 -29.86 -4.75
N LYS A 210 11.65 -30.93 -5.44
CA LYS A 210 11.81 -32.29 -4.94
C LYS A 210 11.91 -33.21 -6.13
N GLY A 211 13.06 -33.88 -6.27
CA GLY A 211 13.26 -34.77 -7.41
C GLY A 211 14.59 -35.48 -7.32
N PRO A 212 15.06 -36.10 -8.42
CA PRO A 212 16.32 -36.86 -8.40
C PRO A 212 17.55 -35.96 -8.31
N ASP A 213 18.71 -36.62 -8.34
CA ASP A 213 20.02 -36.01 -8.22
C ASP A 213 20.28 -35.07 -9.38
N ARG A 214 19.61 -35.27 -10.51
CA ARG A 214 19.58 -34.22 -11.52
C ARG A 214 18.37 -34.32 -12.43
N LEU A 215 18.20 -33.23 -13.20
CA LEU A 215 17.22 -33.12 -14.26
C LEU A 215 17.69 -33.91 -15.48
N PRO A 216 16.78 -34.59 -16.21
CA PRO A 216 17.14 -35.09 -17.53
C PRO A 216 17.71 -33.95 -18.37
N ALA A 217 18.50 -34.32 -19.37
CA ALA A 217 19.23 -33.37 -20.21
C ALA A 217 18.22 -32.52 -20.99
N GLY A 218 18.53 -31.25 -21.17
CA GLY A 218 17.70 -30.36 -21.96
C GLY A 218 16.75 -29.49 -21.13
N TYR A 219 16.72 -29.65 -19.81
CA TYR A 219 15.85 -28.81 -18.99
C TYR A 219 16.66 -27.84 -18.12
N GLU A 220 16.07 -26.65 -17.89
CA GLU A 220 16.46 -25.80 -16.79
C GLU A 220 15.29 -25.01 -16.22
N ILE A 221 15.55 -24.44 -15.04
CA ILE A 221 14.62 -23.61 -14.30
C ILE A 221 15.05 -22.15 -14.38
N VAL A 222 14.12 -21.30 -14.87
CA VAL A 222 14.34 -19.87 -15.05
C VAL A 222 13.30 -19.12 -14.20
N LEU A 223 13.76 -18.22 -13.32
CA LEU A 223 12.91 -17.19 -12.71
C LEU A 223 12.89 -16.04 -13.67
N TYR A 224 11.76 -15.35 -13.79
CA TYR A 224 11.69 -14.21 -14.70
C TYR A 224 10.59 -13.26 -14.28
N ILE A 225 10.73 -12.04 -14.79
CA ILE A 225 9.77 -10.96 -14.59
C ILE A 225 9.52 -10.29 -15.94
N SER A 226 8.51 -9.42 -15.97
CA SER A 226 8.21 -8.63 -17.18
C SER A 226 9.11 -7.38 -17.18
N MET A 227 9.36 -6.89 -18.41
CA MET A 227 10.02 -5.61 -18.62
C MET A 227 9.39 -4.57 -17.71
N SER A 228 8.06 -4.54 -17.72
CA SER A 228 7.26 -3.54 -17.03
C SER A 228 7.50 -3.59 -15.52
N ASP A 229 7.47 -4.81 -14.95
CA ASP A 229 7.66 -5.00 -13.51
C ASP A 229 9.12 -4.81 -13.12
N SER A 230 10.03 -4.77 -14.12
CA SER A 230 11.46 -4.77 -13.88
C SER A 230 11.92 -3.52 -13.14
N ASP A 231 11.17 -2.41 -13.20
CA ASP A 231 11.52 -1.26 -12.37
C ASP A 231 10.63 -1.14 -11.14
N LYS A 232 9.91 -2.23 -10.76
CA LYS A 232 9.06 -2.18 -9.57
C LYS A 232 9.45 -3.20 -8.51
N VAL A 233 10.29 -4.19 -8.88
CA VAL A 233 10.72 -5.24 -7.97
CA VAL A 233 10.72 -5.24 -7.96
C VAL A 233 12.24 -5.34 -8.03
N GLY A 234 12.84 -5.75 -6.91
CA GLY A 234 14.21 -6.29 -6.93
C GLY A 234 14.27 -7.61 -6.15
N VAL A 235 14.87 -8.65 -6.78
CA VAL A 235 14.96 -9.97 -6.16
C VAL A 235 16.42 -10.30 -5.88
N PHE A 236 16.69 -10.80 -4.66
CA PHE A 236 18.03 -11.05 -4.12
C PHE A 236 18.16 -12.50 -3.66
N TYR A 237 19.30 -13.12 -4.01
CA TYR A 237 19.70 -14.43 -3.46
C TYR A 237 20.84 -14.25 -2.43
N VAL A 238 20.72 -14.93 -1.27
CA VAL A 238 21.76 -14.88 -0.24
C VAL A 238 22.70 -16.10 -0.35
N GLU A 239 23.93 -15.83 -0.80
CA GLU A 239 24.97 -16.82 -1.01
C GLU A 239 25.89 -16.93 0.22
N ASN A 240 26.19 -18.18 0.62
CA ASN A 240 26.84 -18.52 1.88
C ASN A 240 25.92 -18.21 3.06
N PRO A 241 24.63 -18.63 3.01
CA PRO A 241 23.67 -18.24 4.05
C PRO A 241 24.00 -18.86 5.42
N GLN A 245 28.72 -13.57 3.81
CA GLN A 245 27.83 -14.04 2.71
C GLN A 245 27.58 -12.87 1.76
N ARG A 246 27.14 -13.18 0.53
CA ARG A 246 27.01 -12.17 -0.51
C ARG A 246 25.54 -12.10 -0.94
N TYR A 247 25.10 -10.92 -1.42
CA TYR A 247 23.70 -10.71 -1.80
C TYR A 247 23.61 -10.58 -3.32
N ILE A 248 23.04 -11.61 -3.96
CA ILE A 248 23.03 -11.69 -5.41
C ILE A 248 21.73 -11.07 -5.92
N HIS A 249 21.86 -10.01 -6.72
CA HIS A 249 20.74 -9.39 -7.39
C HIS A 249 20.44 -10.15 -8.66
N ILE A 250 19.32 -10.90 -8.66
CA ILE A 250 19.01 -11.82 -9.75
C ILE A 250 17.88 -11.33 -10.70
N LEU A 251 16.92 -10.53 -10.22
CA LEU A 251 15.86 -10.00 -11.07
C LEU A 251 15.55 -8.58 -10.63
N GLY A 252 15.18 -7.72 -11.60
CA GLY A 252 14.95 -6.32 -11.32
C GLY A 252 15.42 -5.46 -12.48
N ARG A 253 15.91 -4.23 -12.20
CA ARG A 253 16.31 -3.34 -13.28
C ARG A 253 17.33 -4.04 -14.16
N ARG A 254 17.05 -4.05 -15.47
CA ARG A 254 17.89 -4.65 -16.50
C ARG A 254 18.21 -6.12 -16.18
N LYS A 255 17.37 -6.77 -15.36
CA LYS A 255 17.52 -8.21 -15.10
C LYS A 255 16.16 -8.89 -15.09
N LEU A 256 15.74 -9.42 -16.27
CA LEU A 256 14.39 -9.91 -16.46
C LEU A 256 14.27 -11.40 -16.18
N TYR A 257 15.39 -12.12 -16.18
CA TYR A 257 15.41 -13.55 -15.93
C TYR A 257 16.65 -13.96 -15.17
N HIS A 258 16.63 -15.16 -14.61
CA HIS A 258 17.76 -15.74 -13.94
C HIS A 258 17.66 -17.26 -14.01
N VAL A 259 18.74 -17.91 -14.48
CA VAL A 259 18.74 -19.36 -14.57
C VAL A 259 19.21 -19.96 -13.25
N VAL A 260 18.41 -20.87 -12.71
CA VAL A 260 18.56 -21.40 -11.37
C VAL A 260 19.25 -22.77 -11.45
N LYS A 261 20.29 -22.97 -10.61
CA LYS A 261 20.90 -24.29 -10.45
C LYS A 261 19.97 -25.19 -9.63
N TYR A 262 19.51 -26.28 -10.23
CA TYR A 262 18.73 -27.31 -9.57
C TYR A 262 19.60 -28.06 -8.56
N THR A 263 19.17 -28.13 -7.31
CA THR A 263 19.71 -29.11 -6.37
C THR A 263 18.76 -30.29 -6.33
N GLY A 264 19.35 -31.50 -6.40
CA GLY A 264 18.58 -32.72 -6.31
C GLY A 264 18.01 -32.96 -4.91
N GLY A 265 17.20 -34.01 -4.78
CA GLY A 265 16.53 -34.32 -3.53
C GLY A 265 15.48 -33.28 -3.22
N SER A 266 15.09 -33.23 -1.94
CA SER A 266 14.20 -32.22 -1.41
C SER A 266 14.99 -30.95 -1.13
N ALA A 267 14.70 -29.86 -1.86
CA ALA A 267 15.47 -28.62 -1.80
C ALA A 267 14.55 -27.39 -1.71
N GLU A 268 15.17 -26.27 -1.32
CA GLU A 268 14.51 -25.00 -1.05
C GLU A 268 15.53 -23.92 -1.33
N LEU A 269 15.19 -22.97 -2.22
CA LEU A 269 16.00 -21.79 -2.40
C LEU A 269 15.22 -20.60 -1.84
N LEU A 270 15.94 -19.71 -1.16
CA LEU A 270 15.35 -18.57 -0.48
C LEU A 270 15.78 -17.31 -1.23
N PHE A 271 14.76 -16.56 -1.72
CA PHE A 271 14.99 -15.23 -2.28
C PHE A 271 14.33 -14.21 -1.38
N PHE A 272 14.86 -12.97 -1.49
CA PHE A 272 14.29 -11.81 -0.80
C PHE A 272 13.91 -10.81 -1.88
N VAL A 273 12.72 -10.26 -1.69
CA VAL A 273 12.07 -9.45 -2.71
C VAL A 273 11.89 -8.05 -2.12
N GLU A 274 12.36 -7.02 -2.85
CA GLU A 274 12.10 -5.66 -2.40
C GLU A 274 11.19 -4.96 -3.42
N GLY A 275 10.17 -4.22 -2.92
CA GLY A 275 9.44 -3.25 -3.73
C GLY A 275 10.28 -2.00 -4.00
N LEU A 276 10.16 -1.43 -5.21
CA LEU A 276 10.89 -0.23 -5.62
C LEU A 276 10.00 1.00 -5.81
N CYS A 277 8.73 0.82 -6.19
N CYS A 277 8.77 0.82 -6.33
CA CYS A 277 7.86 1.93 -6.58
CA CYS A 277 7.83 1.92 -6.57
C CYS A 277 6.53 1.81 -5.83
C CYS A 277 6.66 1.79 -5.60
N PHE A 278 6.03 2.94 -5.29
CA PHE A 278 4.73 2.94 -4.66
C PHE A 278 3.67 2.80 -5.75
N PRO A 279 2.44 2.33 -5.40
CA PRO A 279 1.29 2.46 -6.29
C PRO A 279 1.24 3.89 -6.79
N ASP A 280 0.80 4.08 -8.02
CA ASP A 280 0.80 5.42 -8.55
C ASP A 280 -0.08 5.45 -9.78
N GLU A 281 -0.27 6.66 -10.34
CA GLU A 281 -0.82 6.79 -11.67
C GLU A 281 -0.18 5.73 -12.59
N GLY A 282 -1.03 4.87 -13.15
CA GLY A 282 -0.59 3.82 -14.06
C GLY A 282 0.18 2.66 -13.42
N PHE A 283 0.13 2.52 -12.09
CA PHE A 283 0.66 1.33 -11.45
C PHE A 283 -0.32 0.88 -10.36
N SER A 284 -1.01 -0.24 -10.59
CA SER A 284 -1.98 -0.72 -9.63
C SER A 284 -1.33 -1.01 -8.29
N GLY A 285 -0.04 -1.39 -8.30
CA GLY A 285 0.66 -1.88 -7.12
C GLY A 285 0.79 -3.41 -7.12
N LEU A 286 0.33 -4.11 -8.16
CA LEU A 286 0.48 -5.58 -8.25
C LEU A 286 1.64 -5.93 -9.18
N VAL A 287 2.42 -6.93 -8.78
CA VAL A 287 3.60 -7.38 -9.52
C VAL A 287 3.60 -8.91 -9.45
N SER A 288 4.20 -9.51 -10.50
CA SER A 288 4.28 -10.95 -10.66
C SER A 288 5.73 -11.41 -10.77
N ILE A 289 5.94 -12.65 -10.31
CA ILE A 289 7.20 -13.34 -10.49
C ILE A 289 6.87 -14.77 -10.83
N HIS A 290 7.63 -15.31 -11.80
CA HIS A 290 7.36 -16.59 -12.42
C HIS A 290 8.59 -17.48 -12.33
N VAL A 291 8.31 -18.78 -12.39
CA VAL A 291 9.35 -19.76 -12.63
C VAL A 291 8.86 -20.69 -13.74
N SER A 292 9.74 -21.01 -14.69
CA SER A 292 9.37 -21.98 -15.71
C SER A 292 10.43 -23.07 -15.79
N LEU A 293 9.94 -24.28 -16.05
CA LEU A 293 10.76 -25.36 -16.52
C LEU A 293 10.80 -25.30 -18.04
N LEU A 294 11.97 -24.92 -18.60
CA LEU A 294 12.16 -24.65 -20.02
C LEU A 294 12.98 -25.76 -20.65
N GLU A 295 12.43 -26.36 -21.72
CA GLU A 295 13.13 -27.37 -22.50
C GLU A 295 13.99 -26.70 -23.56
N TYR A 296 15.22 -27.23 -23.75
CA TYR A 296 16.14 -26.77 -24.77
C TYR A 296 16.45 -27.89 -25.75
N MET A 297 16.83 -27.51 -26.98
CA MET A 297 17.27 -28.44 -28.01
C MET A 297 18.79 -28.63 -27.95
N ALA A 298 19.55 -27.57 -27.62
CA ALA A 298 20.99 -27.71 -27.55
C ALA A 298 21.55 -26.75 -26.50
N GLN A 299 22.84 -26.42 -26.63
CA GLN A 299 23.32 -25.13 -26.14
C GLN A 299 22.51 -24.05 -26.82
N ASP A 300 21.87 -23.18 -26.02
CA ASP A 300 20.88 -22.26 -26.54
C ASP A 300 19.77 -23.09 -27.20
N ILE A 301 19.11 -22.53 -28.20
CA ILE A 301 17.90 -23.12 -28.77
C ILE A 301 16.92 -23.50 -27.64
N PRO A 302 16.35 -22.48 -26.96
CA PRO A 302 15.16 -22.64 -26.13
C PRO A 302 13.97 -23.06 -27.00
N LEU A 303 13.11 -23.92 -26.44
CA LEU A 303 11.95 -24.46 -27.14
C LEU A 303 10.67 -23.88 -26.50
N THR A 304 10.03 -24.64 -25.59
CA THR A 304 8.84 -24.14 -24.90
C THR A 304 8.93 -24.52 -23.44
N PRO A 305 8.29 -23.78 -22.50
CA PRO A 305 8.21 -24.16 -21.09
C PRO A 305 7.32 -25.38 -21.02
N ILE A 306 7.55 -26.28 -20.05
CA ILE A 306 6.66 -27.41 -19.85
C ILE A 306 5.88 -27.21 -18.56
N PHE A 307 6.32 -26.26 -17.73
CA PHE A 307 5.58 -25.91 -16.53
C PHE A 307 5.89 -24.47 -16.15
N THR A 308 4.92 -23.79 -15.56
CA THR A 308 5.13 -22.42 -15.14
C THR A 308 4.43 -22.24 -13.81
N ASP A 309 5.04 -21.50 -12.89
CA ASP A 309 4.37 -21.17 -11.64
C ASP A 309 4.61 -19.70 -11.38
N THR A 310 3.64 -19.08 -10.70
CA THR A 310 3.53 -17.63 -10.62
C THR A 310 3.04 -17.24 -9.24
N VAL A 311 3.71 -16.25 -8.65
CA VAL A 311 3.26 -15.60 -7.43
C VAL A 311 2.97 -14.12 -7.72
N ILE A 312 2.01 -13.58 -6.96
CA ILE A 312 1.59 -12.18 -7.04
C ILE A 312 1.99 -11.51 -5.73
N PHE A 313 2.44 -10.26 -5.85
CA PHE A 313 2.68 -9.39 -4.71
C PHE A 313 1.90 -8.12 -4.89
N ARG A 314 1.27 -7.63 -3.80
CA ARG A 314 0.84 -6.24 -3.80
C ARG A 314 1.80 -5.41 -2.96
N ILE A 315 2.19 -4.27 -3.55
CA ILE A 315 3.05 -3.30 -2.90
C ILE A 315 2.19 -2.48 -1.97
N ALA A 316 2.57 -2.45 -0.68
CA ALA A 316 1.81 -1.80 0.39
C ALA A 316 1.69 -0.30 0.15
N PRO A 317 0.50 0.31 0.36
CA PRO A 317 0.33 1.74 0.15
C PRO A 317 0.96 2.53 1.28
N TRP A 318 1.26 3.80 0.98
CA TRP A 318 1.57 4.78 1.99
C TRP A 318 0.28 5.21 2.67
N ILE A 319 0.30 5.27 4.01
CA ILE A 319 -0.87 5.56 4.84
C ILE A 319 -0.58 6.73 5.78
N MET A 320 -1.53 7.71 5.87
CA MET A 320 -1.42 8.92 6.68
C MET A 320 -2.02 8.68 8.07
N THR A 321 -1.64 9.49 9.07
CA THR A 321 -2.12 9.27 10.44
C THR A 321 -2.97 10.45 10.95
N PRO A 322 -4.28 10.22 11.24
CA PRO A 322 -5.18 11.24 11.79
C PRO A 322 -4.92 11.49 13.27
N ASN A 323 -5.61 12.50 13.83
CA ASN A 323 -5.26 13.10 15.12
C ASN A 323 -5.79 12.29 16.30
N ILE A 324 -6.76 11.41 16.04
CA ILE A 324 -7.32 10.57 17.08
C ILE A 324 -6.29 9.52 17.52
N LEU A 325 -5.38 9.14 16.60
CA LEU A 325 -4.36 8.12 16.86
C LEU A 325 -3.32 8.66 17.84
N PRO A 326 -2.94 7.86 18.89
CA PRO A 326 -1.99 8.31 19.91
C PRO A 326 -0.68 8.86 19.36
N PRO A 327 -0.19 10.02 19.87
CA PRO A 327 1.09 10.58 19.42
C PRO A 327 2.30 9.83 19.97
N VAL A 328 3.37 9.76 19.18
CA VAL A 328 4.59 9.10 19.60
C VAL A 328 5.71 10.13 19.78
N SER A 329 5.74 11.16 18.92
CA SER A 329 6.71 12.23 19.01
C SER A 329 6.27 13.47 18.23
N VAL A 330 6.70 14.64 18.70
CA VAL A 330 6.20 15.91 18.20
C VAL A 330 7.40 16.71 17.70
N PHE A 331 7.57 16.78 16.37
CA PHE A 331 8.69 17.46 15.76
C PHE A 331 8.39 18.95 15.64
N VAL A 332 9.07 19.77 16.47
CA VAL A 332 9.03 21.23 16.36
C VAL A 332 10.20 21.64 15.48
N CYS A 333 10.21 22.90 15.03
CA CYS A 333 11.45 23.54 14.58
C CYS A 333 11.25 25.04 14.48
N CYS A 334 11.39 25.74 15.61
CA CYS A 334 11.60 27.18 15.58
C CYS A 334 13.07 27.43 15.21
N MET A 335 13.30 27.82 13.95
CA MET A 335 14.65 28.13 13.48
C MET A 335 15.00 29.55 13.92
N LYS A 336 14.95 29.78 15.24
CA LYS A 336 15.30 31.09 15.79
C LYS A 336 15.64 30.95 17.28
N ASP A 337 14.87 31.62 18.17
CA ASP A 337 15.30 31.85 19.54
C ASP A 337 14.12 31.66 20.50
N ASN A 338 13.19 30.78 20.14
CA ASN A 338 11.94 30.60 20.87
C ASN A 338 12.21 29.85 22.17
N TYR A 339 11.64 30.35 23.27
CA TYR A 339 11.64 29.66 24.55
C TYR A 339 10.21 29.41 25.01
N LEU A 340 9.32 30.40 24.84
CA LEU A 340 7.94 30.33 25.31
C LEU A 340 7.06 29.56 24.31
N PHE A 341 7.46 29.53 23.03
CA PHE A 341 6.88 28.62 22.05
C PHE A 341 7.48 27.22 22.24
N LEU A 342 8.79 27.18 22.57
CA LEU A 342 9.47 25.92 22.88
C LEU A 342 8.96 25.35 24.20
N LYS A 343 8.57 26.21 25.16
CA LYS A 343 8.25 25.82 26.53
C LYS A 343 6.79 25.38 26.66
N GLU A 344 5.87 26.00 25.91
CA GLU A 344 4.46 25.63 25.96
C GLU A 344 4.18 24.43 25.05
N VAL A 345 5.09 24.18 24.10
CA VAL A 345 5.03 23.01 23.22
C VAL A 345 5.82 21.85 23.87
N LYS A 346 6.87 22.18 24.63
CA LYS A 346 7.64 21.22 25.41
C LYS A 346 6.84 20.74 26.62
N ASN A 347 6.17 21.68 27.31
CA ASN A 347 5.44 21.40 28.55
C ASN A 347 4.23 20.52 28.25
N LEU A 348 3.57 20.81 27.12
CA LEU A 348 2.44 20.05 26.61
C LEU A 348 2.89 18.63 26.27
N VAL A 349 4.05 18.51 25.61
CA VAL A 349 4.60 17.24 25.15
C VAL A 349 5.01 16.37 26.34
N GLU A 350 5.46 17.04 27.42
CA GLU A 350 5.92 16.37 28.63
C GLU A 350 4.75 15.70 29.36
N LYS A 351 3.61 16.40 29.42
CA LYS A 351 2.41 15.88 30.07
C LYS A 351 1.81 14.75 29.23
N THR A 352 2.45 14.42 28.10
CA THR A 352 2.17 13.20 27.33
C THR A 352 3.39 12.27 27.37
N ASN A 353 3.17 11.05 26.89
CA ASN A 353 4.22 10.04 26.81
C ASN A 353 5.35 10.49 25.90
N CYS A 354 5.02 11.32 24.89
CA CYS A 354 5.78 11.39 23.65
C CYS A 354 6.98 12.33 23.75
N GLU A 355 7.83 12.29 22.71
CA GLU A 355 9.06 13.06 22.60
C GLU A 355 8.77 14.41 21.94
N LEU A 356 9.66 15.38 22.18
CA LEU A 356 9.86 16.54 21.31
C LEU A 356 11.06 16.23 20.42
N LYS A 357 11.29 17.03 19.37
CA LYS A 357 12.21 16.65 18.30
C LYS A 357 12.52 17.90 17.46
N VAL A 358 13.32 18.83 18.02
CA VAL A 358 13.42 20.20 17.55
C VAL A 358 14.42 20.29 16.38
N CYS A 359 14.50 21.46 15.75
CA CYS A 359 15.51 21.76 14.73
C CYS A 359 15.86 23.25 14.73
N ILE A 370 7.55 23.52 9.06
CA ILE A 370 7.67 22.07 9.42
C ILE A 370 6.43 21.32 8.93
N GLN A 371 5.25 21.87 9.24
CA GLN A 371 3.98 21.24 8.94
C GLN A 371 3.74 21.27 7.42
N ASP A 372 4.50 22.11 6.70
CA ASP A 372 4.23 22.39 5.30
C ASP A 372 5.12 21.58 4.36
N GLU A 373 6.19 20.94 4.84
CA GLU A 373 7.09 20.25 3.91
C GLU A 373 7.02 18.73 4.11
N ILE A 374 6.31 18.29 5.13
CA ILE A 374 6.45 16.94 5.62
C ILE A 374 5.08 16.44 6.04
N GLU A 375 4.79 15.18 5.68
CA GLU A 375 3.64 14.46 6.17
C GLU A 375 4.10 13.08 6.64
N PHE A 376 3.73 12.73 7.87
CA PHE A 376 4.07 11.44 8.43
C PHE A 376 3.00 10.41 8.11
N GLY A 377 3.49 9.27 7.62
CA GLY A 377 2.66 8.10 7.45
C GLY A 377 3.50 6.85 7.69
N TYR A 378 2.93 5.71 7.32
CA TYR A 378 3.63 4.45 7.49
C TYR A 378 3.31 3.51 6.34
N ILE A 379 4.02 2.37 6.36
CA ILE A 379 3.74 1.24 5.50
C ILE A 379 3.82 -0.02 6.37
N GLU A 380 2.95 -0.98 6.09
CA GLU A 380 2.89 -2.19 6.89
C GLU A 380 2.81 -3.39 5.94
N ALA A 381 3.53 -4.45 6.27
CA ALA A 381 3.22 -5.79 5.81
C ALA A 381 3.06 -6.71 7.04
N PRO A 382 2.56 -7.97 6.90
CA PRO A 382 2.36 -8.86 8.03
C PRO A 382 3.66 -9.11 8.82
N HIS A 383 4.80 -9.09 8.12
CA HIS A 383 6.07 -9.32 8.77
C HIS A 383 6.57 -8.06 9.48
N LYS A 384 6.23 -6.88 8.95
CA LYS A 384 7.08 -5.71 9.06
C LYS A 384 6.32 -4.44 8.68
N GLY A 385 6.81 -3.32 9.19
CA GLY A 385 6.34 -2.00 8.79
C GLY A 385 7.23 -0.90 9.38
N PHE A 386 7.11 0.32 8.87
CA PHE A 386 7.86 1.42 9.40
C PHE A 386 7.35 2.76 8.88
N PRO A 387 7.65 3.87 9.60
CA PRO A 387 7.24 5.19 9.18
C PRO A 387 7.93 5.60 7.89
N VAL A 388 7.14 6.28 7.06
CA VAL A 388 7.60 6.86 5.81
C VAL A 388 7.06 8.28 5.76
N VAL A 389 7.91 9.21 5.32
CA VAL A 389 7.53 10.61 5.25
C VAL A 389 7.38 10.96 3.79
N LEU A 390 6.22 11.54 3.48
CA LEU A 390 6.07 12.14 2.18
C LEU A 390 6.69 13.52 2.30
N ASP A 391 7.53 13.86 1.30
CA ASP A 391 8.24 15.13 1.21
C ASP A 391 7.60 15.98 0.11
N SER A 392 7.05 17.14 0.51
CA SER A 392 6.37 18.08 -0.38
C SER A 392 7.36 18.66 -1.39
N PRO A 393 6.96 18.91 -2.65
CA PRO A 393 7.71 19.84 -3.51
C PRO A 393 7.42 21.31 -3.15
N LYS A 404 16.09 12.09 2.21
CA LYS A 404 16.88 13.34 2.31
C LYS A 404 17.46 13.48 3.72
N GLU A 405 16.62 13.53 4.75
CA GLU A 405 17.02 14.21 5.98
C GLU A 405 16.71 13.36 7.21
N LEU A 406 15.51 12.77 7.27
CA LEU A 406 15.15 11.79 8.30
C LEU A 406 15.23 10.38 7.72
N LEU A 407 15.75 10.29 6.49
CA LEU A 407 15.88 9.00 5.84
C LEU A 407 16.84 8.14 6.68
N GLY A 408 16.28 7.23 7.49
CA GLY A 408 17.09 6.41 8.37
C GLY A 408 16.71 4.93 8.29
N PRO A 409 17.38 4.07 9.08
CA PRO A 409 16.88 2.73 9.36
C PRO A 409 15.48 2.77 9.97
N ASP A 410 14.53 2.08 9.32
CA ASP A 410 13.12 2.07 9.71
C ASP A 410 12.53 3.48 9.70
N PHE A 411 13.01 4.34 8.79
CA PHE A 411 12.35 5.60 8.53
C PHE A 411 12.53 5.93 7.05
N GLY A 412 11.42 5.77 6.30
CA GLY A 412 11.48 5.73 4.86
C GLY A 412 11.18 7.09 4.24
N TYR A 413 11.08 7.13 2.91
CA TYR A 413 11.01 8.40 2.23
C TYR A 413 10.41 8.22 0.82
N VAL A 414 9.44 9.08 0.52
CA VAL A 414 8.92 9.33 -0.82
C VAL A 414 8.80 10.83 -1.03
N THR A 415 9.14 11.26 -2.25
CA THR A 415 8.60 12.48 -2.83
C THR A 415 7.85 12.17 -4.09
N ARG A 416 7.10 13.17 -4.55
CA ARG A 416 6.67 13.26 -5.93
C ARG A 416 7.00 14.66 -6.44
N GLU A 417 7.49 14.67 -7.68
CA GLU A 417 8.18 15.79 -8.27
C GLU A 417 7.31 16.25 -9.44
N PRO A 418 6.85 17.51 -9.48
CA PRO A 418 6.13 18.00 -10.65
C PRO A 418 7.09 17.96 -11.84
N LEU A 419 6.59 18.27 -13.02
CA LEU A 419 7.39 18.14 -14.22
C LEU A 419 7.15 19.33 -15.14
N PHE A 420 5.88 19.54 -15.49
CA PHE A 420 5.44 20.71 -16.23
C PHE A 420 4.77 21.67 -15.25
N GLU A 421 3.80 21.15 -14.47
CA GLU A 421 3.00 21.92 -13.53
C GLU A 421 3.92 22.52 -12.47
N SER A 422 3.67 23.79 -12.15
CA SER A 422 4.41 24.49 -11.11
C SER A 422 3.73 24.30 -9.75
N VAL A 423 4.55 24.28 -8.70
CA VAL A 423 4.08 24.28 -7.33
C VAL A 423 3.35 25.59 -7.08
N THR A 424 2.38 25.54 -6.14
CA THR A 424 1.73 26.71 -5.55
C THR A 424 1.78 26.55 -4.03
N SER A 425 1.05 27.42 -3.32
CA SER A 425 0.86 27.29 -1.88
C SER A 425 0.04 26.05 -1.51
N LEU A 426 -0.82 25.55 -2.42
CA LEU A 426 -1.74 24.45 -2.13
C LEU A 426 -1.02 23.10 -2.11
N ASP A 427 0.25 23.07 -2.55
CA ASP A 427 1.14 21.90 -2.48
C ASP A 427 1.76 21.67 -1.09
N SER A 428 1.73 22.70 -0.25
CA SER A 428 2.18 22.64 1.13
C SER A 428 1.27 21.72 1.95
N PHE A 429 1.85 20.91 2.87
CA PHE A 429 1.12 19.80 3.47
C PHE A 429 0.29 20.25 4.66
N GLY A 430 0.25 21.55 4.89
CA GLY A 430 -0.84 22.14 5.64
C GLY A 430 -2.15 22.00 4.88
N ASN A 431 -2.04 21.81 3.56
CA ASN A 431 -3.20 21.61 2.70
C ASN A 431 -3.52 20.11 2.56
N LEU A 432 -2.99 19.30 3.47
CA LEU A 432 -3.17 17.88 3.42
C LEU A 432 -3.43 17.36 4.83
N GLU A 433 -4.64 16.87 5.07
CA GLU A 433 -5.07 16.31 6.34
C GLU A 433 -5.77 14.99 6.07
N VAL A 434 -6.15 14.28 7.15
CA VAL A 434 -6.84 13.01 7.05
C VAL A 434 -7.84 12.85 8.19
N SER A 435 -9.04 12.35 7.85
CA SER A 435 -10.10 12.14 8.81
C SER A 435 -9.79 10.99 9.76
N PRO A 436 -10.47 10.93 10.92
CA PRO A 436 -10.60 9.66 11.66
C PRO A 436 -11.33 8.59 10.87
N PRO A 437 -11.34 7.32 11.34
CA PRO A 437 -12.19 6.30 10.74
C PRO A 437 -13.64 6.75 10.67
N VAL A 438 -14.31 6.46 9.57
CA VAL A 438 -15.68 6.87 9.35
C VAL A 438 -16.40 5.78 8.55
N THR A 439 -17.73 5.80 8.62
CA THR A 439 -18.61 5.04 7.76
C THR A 439 -19.51 6.02 7.02
N VAL A 440 -19.50 5.94 5.69
CA VAL A 440 -20.28 6.82 4.83
C VAL A 440 -21.27 5.95 4.06
N ASN A 441 -22.47 5.83 4.63
CA ASN A 441 -23.62 5.24 3.95
C ASN A 441 -23.35 3.77 3.64
N GLY A 442 -22.88 3.04 4.66
CA GLY A 442 -22.64 1.62 4.51
C GLY A 442 -21.15 1.29 4.36
N LYS A 443 -20.43 2.04 3.52
CA LYS A 443 -19.01 1.81 3.32
C LYS A 443 -18.25 2.19 4.59
N THR A 444 -17.14 1.49 4.86
CA THR A 444 -16.30 1.82 6.00
C THR A 444 -14.94 2.26 5.51
N TYR A 445 -14.39 3.27 6.18
CA TYR A 445 -13.09 3.84 5.86
C TYR A 445 -12.23 3.74 7.11
N PRO A 446 -11.79 2.51 7.46
CA PRO A 446 -11.14 2.23 8.74
C PRO A 446 -9.82 2.96 8.96
N LEU A 447 -9.27 3.57 7.91
CA LEU A 447 -8.04 4.36 8.03
C LEU A 447 -8.35 5.86 7.84
N GLY A 448 -9.64 6.16 7.65
CA GLY A 448 -10.07 7.52 7.41
C GLY A 448 -9.91 7.90 5.94
N ARG A 449 -10.18 9.19 5.64
CA ARG A 449 -10.03 9.73 4.30
C ARG A 449 -9.10 10.94 4.33
N ILE A 450 -8.24 11.00 3.30
CA ILE A 450 -7.42 12.16 3.05
C ILE A 450 -8.29 13.29 2.53
N LEU A 451 -7.97 14.51 2.99
CA LEU A 451 -8.67 15.71 2.59
C LEU A 451 -7.65 16.66 1.98
N ILE A 452 -7.92 17.22 0.79
CA ILE A 452 -7.02 18.20 0.16
C ILE A 452 -7.81 19.41 -0.26
N GLY A 453 -7.28 20.56 0.11
CA GLY A 453 -7.87 21.80 -0.36
C GLY A 453 -7.66 21.98 -1.85
N SER A 454 -8.67 22.56 -2.50
CA SER A 454 -8.58 22.78 -3.93
C SER A 454 -9.38 24.03 -4.28
N SER A 455 -9.41 24.34 -5.58
CA SER A 455 -10.23 25.39 -6.15
C SER A 455 -11.30 24.73 -7.01
N PHE A 456 -12.23 25.52 -7.52
CA PHE A 456 -13.25 24.99 -8.39
C PHE A 456 -12.63 24.73 -9.75
N PRO A 457 -13.07 23.70 -10.48
CA PRO A 457 -12.37 23.26 -11.69
C PRO A 457 -12.46 24.26 -12.84
N LEU A 458 -13.45 25.15 -12.85
CA LEU A 458 -13.60 26.06 -13.98
C LEU A 458 -13.25 27.47 -13.53
N SER A 459 -12.46 27.57 -12.45
CA SER A 459 -12.20 28.82 -11.77
C SER A 459 -10.87 29.43 -12.20
N GLY A 460 -9.98 28.62 -12.76
CA GLY A 460 -8.59 29.02 -12.97
C GLY A 460 -7.80 29.14 -11.66
N GLY A 461 -8.37 28.68 -10.54
CA GLY A 461 -7.74 28.84 -9.24
C GLY A 461 -6.54 27.91 -9.06
N ARG A 462 -5.95 27.95 -7.87
CA ARG A 462 -4.84 27.10 -7.50
C ARG A 462 -5.32 25.68 -7.17
N ARG A 463 -4.41 24.74 -7.39
CA ARG A 463 -4.65 23.34 -7.11
CA ARG A 463 -4.65 23.36 -7.02
C ARG A 463 -3.31 22.71 -6.71
N MET A 464 -3.35 21.75 -5.78
CA MET A 464 -2.19 20.92 -5.48
C MET A 464 -1.80 20.19 -6.76
N THR A 465 -0.49 20.00 -6.99
CA THR A 465 0.01 19.32 -8.19
C THR A 465 -0.70 17.99 -8.41
N LYS A 466 -1.01 17.71 -9.68
CA LYS A 466 -1.63 16.45 -10.07
C LYS A 466 -0.77 15.26 -9.65
N VAL A 467 0.54 15.44 -9.63
CA VAL A 467 1.46 14.32 -9.46
C VAL A 467 1.39 13.84 -8.01
N VAL A 468 1.10 14.76 -7.08
CA VAL A 468 0.88 14.40 -5.68
C VAL A 468 -0.57 13.94 -5.50
N ARG A 469 -1.52 14.59 -6.18
CA ARG A 469 -2.90 14.17 -6.09
C ARG A 469 -3.07 12.71 -6.54
N ASP A 470 -2.37 12.35 -7.64
CA ASP A 470 -2.46 11.02 -8.24
C ASP A 470 -1.81 9.97 -7.36
N PHE A 471 -0.70 10.34 -6.74
CA PHE A 471 -0.07 9.47 -5.78
C PHE A 471 -1.07 9.14 -4.68
N LEU A 472 -1.67 10.16 -4.06
CA LEU A 472 -2.50 9.92 -2.89
C LEU A 472 -3.74 9.08 -3.25
N LYS A 473 -4.44 9.34 -4.38
CA LYS A 473 -5.59 8.52 -4.69
C LYS A 473 -5.14 7.08 -5.01
N ALA A 474 -3.97 6.94 -5.64
CA ALA A 474 -3.45 5.64 -6.05
C ALA A 474 -3.17 4.75 -4.85
N GLN A 475 -3.00 5.35 -3.67
CA GLN A 475 -2.83 4.55 -2.48
C GLN A 475 -4.12 3.82 -2.13
N GLN A 476 -5.27 4.36 -2.56
CA GLN A 476 -6.60 3.73 -2.50
C GLN A 476 -7.25 3.74 -1.11
N VAL A 477 -6.52 3.35 -0.07
CA VAL A 477 -7.13 2.95 1.19
C VAL A 477 -7.64 4.15 2.01
N GLN A 478 -7.34 5.38 1.57
CA GLN A 478 -7.82 6.56 2.25
C GLN A 478 -8.51 7.49 1.24
N ALA A 479 -9.04 6.90 0.16
CA ALA A 479 -10.01 7.47 -0.76
C ALA A 479 -10.15 8.98 -0.55
N PRO A 480 -9.22 9.80 -1.09
CA PRO A 480 -9.15 11.24 -0.83
C PRO A 480 -10.33 12.12 -1.28
N VAL A 481 -10.54 13.23 -0.56
CA VAL A 481 -11.63 14.16 -0.82
C VAL A 481 -11.04 15.54 -1.09
N GLU A 482 -11.47 16.17 -2.20
CA GLU A 482 -11.05 17.53 -2.48
C GLU A 482 -12.02 18.50 -1.82
N LEU A 483 -11.49 19.41 -1.02
CA LEU A 483 -12.28 20.47 -0.41
C LEU A 483 -11.98 21.76 -1.16
N TYR A 484 -12.50 22.87 -0.64
CA TYR A 484 -12.32 24.17 -1.24
C TYR A 484 -11.51 25.03 -0.29
N SER A 485 -10.20 25.13 -0.50
CA SER A 485 -9.33 25.92 0.34
C SER A 485 -8.86 27.21 -0.36
N ASP A 486 -9.16 27.37 -1.65
CA ASP A 486 -8.55 28.42 -2.46
C ASP A 486 -9.23 29.75 -2.16
N TRP A 487 -10.22 29.77 -1.26
CA TRP A 487 -10.83 31.03 -0.84
C TRP A 487 -9.94 31.69 0.20
N LEU A 488 -8.89 30.98 0.65
CA LEU A 488 -7.94 31.45 1.65
C LEU A 488 -6.66 31.91 0.97
N THR A 489 -6.00 32.92 1.55
CA THR A 489 -4.83 33.56 0.96
C THR A 489 -3.72 32.50 0.83
N VAL A 490 -3.55 31.72 1.91
CA VAL A 490 -2.57 30.66 1.99
C VAL A 490 -3.08 29.41 1.27
N GLY A 491 -4.29 28.96 1.60
CA GLY A 491 -5.02 27.98 0.80
C GLY A 491 -5.01 26.57 1.41
N HIS A 492 -4.98 26.50 2.75
CA HIS A 492 -4.79 25.24 3.45
C HIS A 492 -6.04 24.87 4.24
N VAL A 493 -6.39 23.57 4.18
CA VAL A 493 -7.53 23.01 4.89
C VAL A 493 -7.38 23.19 6.40
N ASP A 494 -6.12 23.23 6.88
CA ASP A 494 -5.83 23.28 8.31
C ASP A 494 -6.07 24.67 8.89
N GLU A 495 -6.30 25.66 8.01
CA GLU A 495 -6.72 26.97 8.45
C GLU A 495 -8.17 26.96 8.96
N PHE A 496 -9.00 26.00 8.54
CA PHE A 496 -10.43 26.15 8.83
C PHE A 496 -11.04 24.91 9.46
N MET A 497 -10.36 23.77 9.52
CA MET A 497 -10.97 22.62 10.17
C MET A 497 -9.92 21.86 10.95
N SER A 498 -10.37 21.07 11.91
CA SER A 498 -9.51 20.15 12.63
C SER A 498 -10.37 19.04 13.24
N PHE A 499 -9.79 17.86 13.46
CA PHE A 499 -10.51 16.84 14.19
C PHE A 499 -9.94 16.77 15.61
N VAL A 500 -10.82 16.46 16.58
CA VAL A 500 -10.38 16.17 17.93
C VAL A 500 -11.09 14.93 18.44
N PRO A 501 -10.35 14.05 19.16
CA PRO A 501 -10.92 12.84 19.75
C PRO A 501 -11.67 13.23 21.01
N ILE A 502 -12.89 12.70 21.16
CA ILE A 502 -13.56 12.73 22.45
C ILE A 502 -12.98 11.58 23.25
N PRO A 503 -12.35 11.81 24.42
CA PRO A 503 -11.39 10.86 24.98
C PRO A 503 -11.96 9.64 25.70
N GLY A 504 -13.21 9.75 26.18
CA GLY A 504 -13.96 8.58 26.64
C GLY A 504 -14.19 7.58 25.51
N THR A 505 -14.57 8.11 24.34
CA THR A 505 -14.63 7.34 23.11
C THR A 505 -13.26 7.47 22.44
N LYS A 506 -13.04 7.05 21.18
CA LYS A 506 -13.86 6.14 20.37
C LYS A 506 -14.82 6.96 19.50
N LYS A 507 -14.84 8.29 19.70
CA LYS A 507 -15.55 9.24 18.86
C LYS A 507 -14.69 10.50 18.73
N PHE A 508 -14.91 11.24 17.63
CA PHE A 508 -14.19 12.49 17.38
C PHE A 508 -15.17 13.60 17.03
N LEU A 509 -14.65 14.83 16.99
CA LEU A 509 -15.44 15.99 16.57
C LEU A 509 -14.71 16.74 15.45
N LEU A 510 -15.50 17.25 14.49
CA LEU A 510 -14.98 18.21 13.53
C LEU A 510 -15.11 19.59 14.15
N LEU A 511 -13.98 20.27 14.30
CA LEU A 511 -13.96 21.69 14.63
C LEU A 511 -13.86 22.45 13.33
N MET A 512 -14.75 23.45 13.18
CA MET A 512 -14.82 24.30 12.00
C MET A 512 -14.61 25.74 12.45
N ALA A 513 -13.87 26.53 11.68
CA ALA A 513 -13.86 27.96 11.90
C ALA A 513 -15.22 28.53 11.49
N SER A 514 -15.70 29.52 12.25
CA SER A 514 -16.98 30.15 12.00
C SER A 514 -16.88 31.64 12.27
N THR A 515 -17.10 32.45 11.22
CA THR A 515 -17.17 33.89 11.35
C THR A 515 -18.50 34.30 11.98
N SER A 516 -19.57 33.57 11.69
CA SER A 516 -20.85 33.94 12.25
C SER A 516 -20.85 33.72 13.77
N ALA A 517 -20.18 32.65 14.22
CA ALA A 517 -20.00 32.40 15.65
C ALA A 517 -19.31 33.58 16.32
N CYS A 518 -18.27 34.11 15.65
CA CYS A 518 -17.50 35.26 16.10
C CYS A 518 -18.39 36.50 16.30
N TYR A 519 -19.20 36.84 15.28
CA TYR A 519 -20.10 37.98 15.33
C TYR A 519 -21.13 37.82 16.44
N LYS A 520 -21.67 36.60 16.61
CA LYS A 520 -22.63 36.33 17.68
C LYS A 520 -21.99 36.63 19.03
N LEU A 521 -20.73 36.20 19.21
CA LEU A 521 -19.97 36.37 20.43
C LEU A 521 -19.71 37.85 20.72
N PHE A 522 -19.33 38.63 19.69
CA PHE A 522 -18.96 40.02 19.89
C PHE A 522 -20.17 40.88 20.25
N ARG A 523 -21.32 40.60 19.63
CA ARG A 523 -22.55 41.31 19.91
C ARG A 523 -22.98 41.07 21.35
N GLU A 524 -22.65 39.88 21.89
CA GLU A 524 -22.87 39.61 23.30
C GLU A 524 -21.96 40.49 24.16
N LYS A 525 -20.65 40.46 23.86
CA LYS A 525 -19.66 41.21 24.63
C LYS A 525 -20.04 42.68 24.64
N GLN A 526 -20.31 43.22 23.47
CA GLN A 526 -20.61 44.63 23.32
C GLN A 526 -21.90 45.00 24.08
N LYS A 527 -22.94 44.16 23.97
CA LYS A 527 -24.13 44.26 24.81
C LYS A 527 -23.79 44.09 26.30
N ASP A 528 -22.78 43.27 26.62
CA ASP A 528 -22.31 43.12 28.00
C ASP A 528 -21.51 44.34 28.45
N GLY A 529 -21.49 45.40 27.62
CA GLY A 529 -20.59 46.52 27.80
C GLY A 529 -19.13 46.08 27.76
N HIS A 530 -18.67 45.59 26.60
CA HIS A 530 -17.25 45.42 26.35
C HIS A 530 -16.92 45.98 24.96
N GLY A 531 -17.85 46.76 24.41
CA GLY A 531 -17.66 47.37 23.11
C GLY A 531 -16.29 48.02 22.98
N GLU A 532 -15.97 48.91 23.92
CA GLU A 532 -14.71 49.66 23.89
C GLU A 532 -13.55 48.83 24.42
N ALA A 533 -13.84 47.60 24.88
CA ALA A 533 -12.79 46.65 25.23
C ALA A 533 -11.94 46.37 23.99
N ILE A 534 -10.63 46.51 24.14
CA ILE A 534 -9.71 46.62 23.02
C ILE A 534 -9.37 45.21 22.53
N MET A 535 -9.06 45.09 21.24
CA MET A 535 -8.82 43.80 20.60
C MET A 535 -7.36 43.70 20.12
N PHE A 536 -6.76 42.52 20.37
CA PHE A 536 -5.49 42.11 19.79
C PHE A 536 -4.35 42.98 20.35
N LYS A 537 -4.33 43.16 21.68
CA LYS A 537 -3.18 43.73 22.36
C LYS A 537 -2.31 42.59 22.91
N GLY A 538 -1.21 42.34 22.20
CA GLY A 538 -0.24 41.33 22.60
C GLY A 538 0.96 41.34 21.66
N LEU A 539 0.72 40.97 20.40
CA LEU A 539 1.77 40.66 19.43
C LEU A 539 2.57 41.92 19.08
N GLY A 540 3.77 41.74 18.51
CA GLY A 540 4.77 42.79 18.40
C GLY A 540 5.14 43.12 16.95
N GLY A 541 4.12 43.28 16.10
CA GLY A 541 4.30 43.71 14.72
C GLY A 541 3.10 44.52 14.22
N MET A 542 2.07 43.80 13.73
CA MET A 542 0.76 44.38 13.43
C MET A 542 -0.25 43.84 14.45
N SER A 543 -0.72 44.72 15.34
CA SER A 543 -1.50 44.31 16.51
C SER A 543 -2.76 45.16 16.66
N SER A 544 -2.70 46.24 17.46
CA SER A 544 -3.91 47.00 17.83
C SER A 544 -3.60 48.49 17.95
N LYS A 545 -4.27 49.29 17.11
CA LYS A 545 -4.38 50.72 17.31
C LYS A 545 -5.85 51.01 17.61
N ARG A 546 -6.25 50.57 18.81
CA ARG A 546 -7.63 50.55 19.30
C ARG A 546 -8.56 49.96 18.25
N ILE A 547 -8.29 48.70 17.90
CA ILE A 547 -9.34 47.80 17.46
C ILE A 547 -10.12 47.42 18.71
N THR A 548 -11.36 47.89 18.81
CA THR A 548 -12.29 47.39 19.81
C THR A 548 -13.33 46.55 19.09
N ILE A 549 -14.06 45.74 19.85
CA ILE A 549 -15.26 45.05 19.38
C ILE A 549 -16.15 46.01 18.60
N ASN A 550 -16.48 47.18 19.20
CA ASN A 550 -17.30 48.21 18.57
C ASN A 550 -16.74 48.56 17.19
N LYS A 551 -15.44 48.83 17.12
CA LYS A 551 -14.74 49.17 15.88
C LYS A 551 -15.02 48.11 14.81
N ILE A 552 -14.89 46.84 15.22
CA ILE A 552 -15.12 45.69 14.36
C ILE A 552 -16.59 45.60 13.96
N LEU A 553 -17.51 45.53 14.96
CA LEU A 553 -18.93 45.34 14.70
C LEU A 553 -19.53 46.38 13.75
N SER A 554 -19.00 47.61 13.78
CA SER A 554 -19.52 48.69 12.94
C SER A 554 -18.82 48.73 11.58
N ASN A 555 -17.82 47.87 11.35
CA ASN A 555 -17.17 47.77 10.06
C ASN A 555 -18.04 46.91 9.14
N GLU A 556 -18.80 47.59 8.26
CA GLU A 556 -19.83 46.98 7.44
C GLU A 556 -19.20 46.23 6.29
N SER A 557 -18.08 46.78 5.81
CA SER A 557 -17.34 46.25 4.70
C SER A 557 -16.80 44.86 5.06
N LEU A 558 -16.23 44.79 6.27
CA LEU A 558 -15.65 43.60 6.84
C LEU A 558 -16.71 42.53 7.17
N VAL A 559 -17.91 42.96 7.56
CA VAL A 559 -19.06 42.08 7.76
C VAL A 559 -19.34 41.30 6.48
N GLN A 560 -19.39 42.01 5.35
CA GLN A 560 -19.78 41.41 4.09
C GLN A 560 -18.73 40.40 3.61
N GLU A 561 -17.45 40.70 3.83
CA GLU A 561 -16.37 39.82 3.46
C GLU A 561 -16.53 38.51 4.23
N ASN A 562 -16.94 38.63 5.49
CA ASN A 562 -17.01 37.51 6.41
C ASN A 562 -18.29 36.72 6.20
N LEU A 563 -19.27 37.35 5.54
CA LEU A 563 -20.43 36.63 5.06
C LEU A 563 -20.02 35.72 3.91
N TYR A 564 -19.16 36.22 3.00
CA TYR A 564 -18.70 35.46 1.85
C TYR A 564 -17.85 34.29 2.35
N PHE A 565 -17.02 34.54 3.37
CA PHE A 565 -16.18 33.51 3.94
C PHE A 565 -16.99 32.46 4.68
N GLN A 566 -18.07 32.87 5.37
CA GLN A 566 -18.87 31.87 6.05
C GLN A 566 -19.50 30.97 4.97
N ARG A 567 -19.64 31.52 3.77
CA ARG A 567 -20.27 30.79 2.70
C ARG A 567 -19.32 29.72 2.19
N CYS A 568 -18.05 30.12 2.06
CA CYS A 568 -16.98 29.21 1.68
C CYS A 568 -16.87 28.09 2.71
N LEU A 569 -17.06 28.43 3.98
CA LEU A 569 -16.91 27.47 5.06
C LEU A 569 -18.06 26.47 5.03
N ASP A 570 -19.30 26.97 4.86
CA ASP A 570 -20.48 26.12 4.82
C ASP A 570 -20.43 25.19 3.61
N TRP A 571 -19.72 25.62 2.55
CA TRP A 571 -19.61 24.76 1.38
C TRP A 571 -18.80 23.50 1.72
N ASN A 572 -17.70 23.72 2.44
CA ASN A 572 -16.84 22.68 2.97
C ASN A 572 -17.59 21.84 4.00
N ARG A 573 -18.38 22.50 4.86
CA ARG A 573 -19.10 21.81 5.91
C ARG A 573 -19.99 20.76 5.27
N ASP A 574 -20.56 21.11 4.12
CA ASP A 574 -21.54 20.23 3.47
C ASP A 574 -20.81 19.03 2.87
N ILE A 575 -19.59 19.25 2.36
CA ILE A 575 -18.79 18.18 1.79
C ILE A 575 -18.35 17.23 2.89
N LEU A 576 -17.87 17.78 4.00
CA LEU A 576 -17.33 16.98 5.10
C LEU A 576 -18.47 16.11 5.68
N LYS A 577 -19.66 16.70 5.80
CA LYS A 577 -20.81 15.98 6.33
C LYS A 577 -21.17 14.80 5.42
N LYS A 578 -21.19 15.07 4.12
CA LYS A 578 -21.50 14.09 3.13
C LYS A 578 -20.44 12.98 3.10
N GLU A 579 -19.17 13.38 3.07
CA GLU A 579 -18.10 12.47 2.70
C GLU A 579 -17.49 11.81 3.93
N LEU A 580 -17.84 12.28 5.13
CA LEU A 580 -17.39 11.57 6.32
C LEU A 580 -18.59 11.06 7.10
N GLY A 581 -19.76 11.06 6.44
CA GLY A 581 -21.03 10.85 7.10
C GLY A 581 -21.09 11.50 8.49
N LEU A 582 -20.97 12.83 8.56
CA LEU A 582 -21.16 13.52 9.83
C LEU A 582 -22.56 14.13 9.90
N THR A 583 -22.96 14.51 11.13
CA THR A 583 -24.15 15.29 11.44
C THR A 583 -23.70 16.53 12.21
N GLU A 584 -24.65 17.46 12.48
CA GLU A 584 -24.35 18.68 13.22
C GLU A 584 -23.92 18.39 14.66
N GLN A 585 -24.32 17.21 15.18
CA GLN A 585 -23.85 16.70 16.47
C GLN A 585 -22.34 16.67 16.53
N ASP A 586 -21.71 16.35 15.39
CA ASP A 586 -20.29 16.02 15.33
C ASP A 586 -19.43 17.26 15.10
N ILE A 587 -20.02 18.47 15.16
CA ILE A 587 -19.34 19.67 14.69
C ILE A 587 -19.42 20.77 15.76
N ILE A 588 -18.30 21.46 15.96
CA ILE A 588 -18.21 22.59 16.85
C ILE A 588 -17.61 23.72 16.02
N ASP A 589 -18.32 24.87 15.95
CA ASP A 589 -17.78 26.02 15.27
C ASP A 589 -17.02 26.90 16.27
N LEU A 590 -15.72 27.05 16.01
CA LEU A 590 -14.90 27.96 16.78
C LEU A 590 -14.94 29.32 16.11
N PRO A 591 -15.16 30.41 16.89
CA PRO A 591 -15.20 31.77 16.33
C PRO A 591 -13.89 32.13 15.62
N ALA A 592 -14.04 32.85 14.51
CA ALA A 592 -12.93 33.16 13.63
C ALA A 592 -13.32 34.33 12.75
N LEU A 593 -12.33 35.13 12.34
CA LEU A 593 -12.58 36.33 11.57
C LEU A 593 -11.47 36.48 10.54
N PHE A 594 -11.83 36.83 9.29
CA PHE A 594 -10.80 37.02 8.28
C PHE A 594 -10.91 38.44 7.72
N LYS A 595 -9.84 38.86 7.06
CA LYS A 595 -9.86 40.06 6.25
C LYS A 595 -9.58 39.64 4.81
N MET A 596 -10.24 40.30 3.86
CA MET A 596 -10.15 39.96 2.45
C MET A 596 -9.01 40.73 1.79
N ASP A 597 -7.98 40.00 1.33
CA ASP A 597 -6.82 40.57 0.64
C ASP A 597 -7.24 41.01 -0.75
N GLU A 598 -6.24 41.43 -1.54
CA GLU A 598 -6.43 42.03 -2.86
C GLU A 598 -6.98 40.98 -3.83
N ASP A 599 -6.74 39.68 -3.54
CA ASP A 599 -7.11 38.58 -4.42
C ASP A 599 -8.54 38.11 -4.18
N HIS A 600 -9.19 38.67 -3.16
CA HIS A 600 -10.52 38.26 -2.72
C HIS A 600 -10.40 37.00 -1.87
N ARG A 601 -9.36 36.98 -1.03
CA ARG A 601 -9.05 35.78 -0.27
C ARG A 601 -8.89 36.13 1.19
N ALA A 602 -9.24 35.17 2.06
CA ALA A 602 -9.26 35.41 3.49
C ALA A 602 -7.86 35.25 4.07
N ARG A 603 -7.44 36.20 4.91
CA ARG A 603 -6.36 35.90 5.82
C ARG A 603 -6.82 36.28 7.21
N ALA A 604 -6.46 35.43 8.16
CA ALA A 604 -6.94 35.50 9.53
C ALA A 604 -6.72 36.89 10.10
N PHE A 605 -7.66 37.27 10.96
CA PHE A 605 -7.70 38.56 11.61
C PHE A 605 -6.95 38.42 12.93
N PHE A 606 -7.26 37.33 13.65
CA PHE A 606 -6.51 36.94 14.84
C PHE A 606 -6.15 35.45 14.72
N PRO A 607 -5.16 34.95 15.52
CA PRO A 607 -4.79 33.53 15.55
C PRO A 607 -5.93 32.51 15.38
N ASN A 608 -5.88 31.76 14.28
CA ASN A 608 -6.89 30.77 13.95
C ASN A 608 -6.81 29.59 14.92
N MET A 609 -7.83 29.51 15.80
CA MET A 609 -7.82 28.65 16.97
C MET A 609 -8.08 27.18 16.63
N VAL A 610 -8.72 26.92 15.48
CA VAL A 610 -8.98 25.56 15.00
C VAL A 610 -7.67 24.86 14.61
N ASN A 611 -6.63 25.67 14.28
CA ASN A 611 -5.34 25.20 13.77
C ASN A 611 -4.41 24.82 14.93
N MET A 612 -4.73 23.70 15.60
CA MET A 612 -4.17 23.35 16.91
C MET A 612 -3.36 22.05 16.83
N ILE A 613 -2.58 21.77 17.89
CA ILE A 613 -1.89 20.50 18.07
C ILE A 613 -2.84 19.59 18.84
N VAL A 614 -3.05 18.35 18.36
CA VAL A 614 -3.95 17.43 19.04
C VAL A 614 -3.12 16.26 19.59
N LEU A 615 -2.85 16.31 20.91
CA LEU A 615 -2.06 15.30 21.60
C LEU A 615 -2.97 14.54 22.55
N ASP A 616 -3.83 13.68 21.99
CA ASP A 616 -4.67 12.80 22.77
C ASP A 616 -5.76 13.66 23.39
N LYS A 617 -5.64 14.01 24.69
CA LYS A 617 -6.59 14.89 25.36
C LYS A 617 -6.09 16.33 25.39
N ASP A 618 -4.77 16.53 25.37
CA ASP A 618 -4.17 17.86 25.34
C ASP A 618 -4.35 18.49 23.96
N LEU A 619 -4.92 19.70 23.96
CA LEU A 619 -5.07 20.51 22.76
C LEU A 619 -4.14 21.71 22.88
N GLY A 620 -3.20 21.82 21.93
CA GLY A 620 -2.34 22.99 21.81
C GLY A 620 -2.93 24.03 20.85
N ILE A 621 -3.61 25.04 21.42
CA ILE A 621 -4.53 25.91 20.71
C ILE A 621 -3.95 27.32 20.62
N PRO A 622 -3.72 27.87 19.40
CA PRO A 622 -3.20 29.24 19.25
C PRO A 622 -3.88 30.32 20.12
N LYS A 623 -3.08 31.25 20.63
CA LYS A 623 -3.51 32.25 21.60
C LYS A 623 -4.11 33.42 20.83
N PRO A 624 -5.40 33.76 21.06
CA PRO A 624 -6.09 34.74 20.23
C PRO A 624 -5.74 36.20 20.53
N PHE A 625 -5.64 36.54 21.82
CA PHE A 625 -5.54 37.92 22.28
C PHE A 625 -6.78 38.69 21.82
N GLY A 626 -7.79 38.78 22.72
CA GLY A 626 -9.08 39.37 22.39
C GLY A 626 -9.74 40.07 23.58
N PRO A 627 -11.00 40.56 23.43
CA PRO A 627 -11.66 41.39 24.45
C PRO A 627 -12.02 40.68 25.75
N GLN A 628 -11.53 41.23 26.87
CA GLN A 628 -11.59 40.57 28.16
C GLN A 628 -12.84 40.99 28.94
N VAL A 629 -13.02 40.32 30.09
CA VAL A 629 -14.03 40.67 31.08
C VAL A 629 -13.44 40.66 32.49
N GLU A 630 -12.33 39.93 32.72
CA GLU A 630 -11.73 39.83 34.03
C GLU A 630 -10.34 39.16 33.96
N GLU A 631 -10.30 37.84 34.20
CA GLU A 631 -9.08 37.10 34.48
C GLU A 631 -8.40 36.67 33.18
N GLU A 632 -9.20 36.03 32.32
CA GLU A 632 -8.75 35.46 31.07
C GLU A 632 -9.57 36.06 29.93
N CYS A 633 -9.28 35.63 28.71
CA CYS A 633 -9.92 36.14 27.50
C CYS A 633 -11.34 35.58 27.38
N CYS A 634 -12.21 36.28 26.64
CA CYS A 634 -13.59 35.84 26.44
C CYS A 634 -13.70 34.92 25.22
N LEU A 635 -12.62 34.87 24.40
CA LEU A 635 -12.45 33.89 23.34
C LEU A 635 -11.87 32.60 23.92
N GLU A 636 -10.77 32.74 24.68
CA GLU A 636 -10.12 31.62 25.38
C GLU A 636 -11.13 30.91 26.28
N MET A 637 -11.92 31.70 27.02
CA MET A 637 -12.92 31.16 27.94
C MET A 637 -14.05 30.52 27.13
N HIS A 638 -14.31 31.06 25.93
CA HIS A 638 -15.35 30.50 25.08
C HIS A 638 -14.92 29.16 24.46
N VAL A 639 -13.65 29.07 24.03
CA VAL A 639 -13.09 27.85 23.44
C VAL A 639 -12.91 26.80 24.53
N ARG A 640 -12.50 27.23 25.74
CA ARG A 640 -12.52 26.39 26.92
C ARG A 640 -13.95 25.95 27.25
N GLY A 641 -14.92 26.84 26.99
CA GLY A 641 -16.34 26.58 27.22
C GLY A 641 -16.85 25.37 26.44
N LEU A 642 -16.50 25.30 25.15
CA LEU A 642 -17.03 24.29 24.24
C LEU A 642 -16.30 22.96 24.40
N LEU A 643 -14.97 23.02 24.56
CA LEU A 643 -14.10 21.87 24.43
C LEU A 643 -13.96 21.11 25.76
N GLU A 644 -13.73 21.84 26.86
CA GLU A 644 -13.31 21.22 28.11
C GLU A 644 -14.40 20.31 28.65
N PRO A 645 -15.71 20.71 28.66
CA PRO A 645 -16.80 19.80 29.01
C PRO A 645 -16.92 18.44 28.32
N LEU A 646 -15.95 18.08 27.47
CA LEU A 646 -16.01 16.82 26.72
C LEU A 646 -14.87 15.89 27.13
N GLY A 647 -13.92 16.40 27.93
CA GLY A 647 -12.74 15.65 28.32
C GLY A 647 -11.44 16.34 27.89
N LEU A 648 -11.54 17.40 27.07
CA LEU A 648 -10.43 17.97 26.32
C LEU A 648 -9.78 19.14 27.08
N GLU A 649 -8.44 19.16 27.06
CA GLU A 649 -7.66 19.86 28.07
C GLU A 649 -6.76 20.90 27.38
N CYS A 650 -7.34 22.08 27.15
CA CYS A 650 -6.80 23.10 26.25
C CYS A 650 -5.64 23.85 26.88
N THR A 651 -4.55 23.96 26.10
CA THR A 651 -3.39 24.78 26.45
C THR A 651 -3.21 25.81 25.34
N PHE A 652 -3.05 27.09 25.72
CA PHE A 652 -3.04 28.17 24.74
C PHE A 652 -1.62 28.68 24.52
N ILE A 653 -1.15 28.53 23.27
CA ILE A 653 0.25 28.69 22.90
C ILE A 653 0.40 29.98 22.08
N ASP A 654 1.39 30.81 22.41
CA ASP A 654 1.58 32.09 21.73
C ASP A 654 2.15 31.83 20.33
N GLY A 669 4.53 24.83 11.83
CA GLY A 669 4.86 25.14 13.24
C GLY A 669 5.33 23.91 14.01
N THR A 670 4.46 22.89 14.05
CA THR A 670 4.77 21.60 14.64
C THR A 670 4.43 20.50 13.61
N ASN A 671 4.52 19.24 14.06
CA ASN A 671 4.19 18.06 13.28
C ASN A 671 4.28 16.87 14.24
N VAL A 672 3.34 15.92 14.18
CA VAL A 672 3.35 14.83 15.15
C VAL A 672 3.24 13.48 14.42
N ARG A 673 4.32 12.69 14.56
CA ARG A 673 4.32 11.29 14.19
C ARG A 673 3.51 10.51 15.22
N ARG A 674 2.63 9.61 14.73
CA ARG A 674 1.66 8.92 15.58
C ARG A 674 1.74 7.41 15.39
N LYS A 675 1.19 6.70 16.37
CA LYS A 675 0.97 5.26 16.24
C LYS A 675 0.16 4.99 14.97
N PRO A 676 0.53 3.98 14.16
CA PRO A 676 -0.38 3.39 13.17
C PRO A 676 -1.76 3.02 13.73
N PHE A 677 -2.70 2.80 12.81
CA PHE A 677 -3.91 2.07 13.13
C PHE A 677 -3.53 0.65 13.56
N THR A 678 -4.17 0.16 14.62
CA THR A 678 -4.13 -1.28 14.88
C THR A 678 -4.66 -1.96 13.62
N PHE A 679 -5.68 -1.34 12.97
CA PHE A 679 -6.37 -1.91 11.81
C PHE A 679 -5.41 -2.13 10.64
N LYS A 680 -5.39 -3.37 10.14
CA LYS A 680 -4.54 -3.74 9.02
C LYS A 680 -5.21 -3.35 7.72
N TRP A 681 -4.47 -2.62 6.88
CA TRP A 681 -5.03 -2.11 5.65
C TRP A 681 -5.53 -3.24 4.75
N TRP A 682 -4.93 -4.44 4.77
CA TRP A 682 -5.37 -5.50 3.86
C TRP A 682 -6.75 -6.08 4.23
N HIS A 683 -7.27 -5.76 5.43
CA HIS A 683 -8.58 -6.25 5.85
C HIS A 683 -9.71 -5.39 5.34
N MET A 684 -9.36 -4.21 4.82
CA MET A 684 -10.28 -3.27 4.18
C MET A 684 -10.93 -3.91 2.95
N VAL A 685 -11.77 -3.17 2.22
CA VAL A 685 -12.38 -3.67 0.99
C VAL A 685 -12.69 -2.56 -0.04
N PRO A 686 -11.71 -1.74 -0.52
CA PRO A 686 -11.98 -0.43 -1.16
C PRO A 686 -13.03 -0.41 -2.29
#